data_3AVI
#
_entry.id   3AVI
#
_cell.length_a   70.995
_cell.length_b   70.995
_cell.length_c   66.996
_cell.angle_alpha   90.000
_cell.angle_beta   90.000
_cell.angle_gamma   120.000
#
_symmetry.space_group_name_H-M   'P 31'
#
loop_
_entity.id
_entity.type
_entity.pdbx_description
1 polymer Integrase
2 polymer 'LEDGF peptide'
3 non-polymer 'SULFATE ION'
4 non-polymer 'CHLORIDE ION'
5 non-polymer 'ACETIC ACID'
6 water water
#
loop_
_entity_poly.entity_id
_entity_poly.type
_entity_poly.pdbx_seq_one_letter_code
_entity_poly.pdbx_strand_id
1 'polypeptide(L)'
;MGSSHHHHHHSSGLVPRGSHMHGQVDSSPGIWQLDCTHLEGKVILVAVHVASGYIEAEVIPAETGQETAYFLLKLAGRWP
VKTVHTDNGSNFTSTTVKAACWWAGIKQEDGIPYNPQSQGVIESMNKELKKIIGQVRDQAEHLKTAVQMAVFIHNHKRKG
GIGGYSAGERIVDIIATDIQTKE
;
A,B
2 'polypeptide(L)' SLKIDNMD D,F
#
# COMPACT_ATOMS: atom_id res chain seq x y z
N SER A 28 2.86 18.11 10.06
CA SER A 28 2.15 16.84 10.55
C SER A 28 1.25 15.97 9.62
N PRO A 29 0.62 16.53 8.60
CA PRO A 29 0.04 15.59 7.69
C PRO A 29 1.09 14.62 7.04
N GLY A 30 2.31 15.10 6.86
CA GLY A 30 3.31 14.28 6.09
C GLY A 30 4.27 13.41 7.00
N ILE A 31 4.01 13.28 8.30
N ILE A 31 3.98 13.26 8.28
CA ILE A 31 5.05 12.67 9.18
CA ILE A 31 4.97 12.66 9.19
C ILE A 31 4.68 11.24 9.50
C ILE A 31 4.65 11.20 9.50
N TRP A 32 5.61 10.33 9.24
CA TRP A 32 5.45 8.89 9.48
C TRP A 32 6.55 8.36 10.35
N GLN A 33 6.26 7.28 11.08
CA GLN A 33 7.30 6.62 11.95
CA GLN A 33 7.28 6.63 11.96
C GLN A 33 7.40 5.19 11.55
N LEU A 34 8.63 4.67 11.42
N LEU A 34 8.62 4.70 11.43
CA LEU A 34 8.82 3.26 11.20
CA LEU A 34 8.89 3.29 11.16
C LEU A 34 8.89 2.50 12.50
C LEU A 34 8.90 2.51 12.48
N ASP A 35 8.51 1.23 12.43
CA ASP A 35 8.42 0.38 13.65
C ASP A 35 8.64 -1.06 13.16
N CYS A 36 9.45 -1.85 13.85
CA CYS A 36 9.78 -3.19 13.38
C CYS A 36 9.48 -4.05 14.56
N THR A 37 8.68 -5.11 14.37
CA THR A 37 8.36 -6.07 15.46
C THR A 37 8.50 -7.46 14.95
N HIS A 38 8.64 -8.44 15.88
CA HIS A 38 8.90 -9.80 15.44
C HIS A 38 7.77 -10.76 15.77
N LEU A 39 7.49 -11.68 14.86
CA LEU A 39 6.53 -12.81 15.11
C LEU A 39 6.85 -13.98 14.22
N GLU A 40 6.68 -15.20 14.78
CA GLU A 40 6.88 -16.44 13.98
C GLU A 40 8.23 -16.51 13.31
N GLY A 41 9.20 -15.88 13.97
CA GLY A 41 10.53 -15.95 13.40
C GLY A 41 10.71 -15.00 12.25
N LYS A 42 9.71 -14.14 11.98
CA LYS A 42 9.80 -13.22 10.81
C LYS A 42 9.70 -11.82 11.40
N VAL A 43 9.84 -10.82 10.53
CA VAL A 43 9.85 -9.46 10.95
C VAL A 43 8.60 -8.81 10.35
N ILE A 44 7.91 -7.98 11.13
CA ILE A 44 6.75 -7.25 10.55
C ILE A 44 7.27 -5.79 10.60
N LEU A 45 7.31 -5.13 9.43
CA LEU A 45 7.77 -3.72 9.39
C LEU A 45 6.49 -2.90 9.20
N VAL A 46 6.39 -1.85 10.01
CA VAL A 46 5.16 -1.07 10.06
C VAL A 46 5.48 0.36 9.82
N ALA A 47 4.64 1.07 9.07
CA ALA A 47 4.79 2.53 9.04
C ALA A 47 3.54 3.12 9.65
N VAL A 48 3.73 4.04 10.61
CA VAL A 48 2.59 4.65 11.33
C VAL A 48 2.51 6.12 10.93
N HIS A 49 1.30 6.57 10.49
CA HIS A 49 1.12 7.98 10.21
C HIS A 49 0.80 8.59 11.61
N VAL A 50 1.72 9.43 12.08
CA VAL A 50 1.75 9.78 13.55
C VAL A 50 0.46 10.47 14.00
N ALA A 51 0.00 11.36 13.18
CA ALA A 51 -1.18 12.22 13.52
C ALA A 51 -2.50 11.48 13.56
N SER A 52 -2.63 10.40 12.80
CA SER A 52 -3.86 9.61 12.74
C SER A 52 -3.83 8.26 13.37
N GLY A 53 -2.64 7.68 13.52
CA GLY A 53 -2.50 6.27 13.94
C GLY A 53 -2.81 5.28 12.80
N TYR A 54 -2.89 5.76 11.55
CA TYR A 54 -3.15 4.78 10.42
C TYR A 54 -1.80 4.04 10.20
N ILE A 55 -1.88 2.77 9.77
CA ILE A 55 -0.65 2.03 9.57
C ILE A 55 -0.71 1.34 8.20
N GLU A 56 0.51 1.04 7.71
CA GLU A 56 0.70 0.09 6.55
C GLU A 56 1.81 -0.86 7.09
N ALA A 57 1.80 -2.11 6.66
CA ALA A 57 2.80 -3.09 7.21
C ALA A 57 3.07 -4.17 6.18
N GLU A 58 4.23 -4.81 6.33
CA GLU A 58 4.59 -5.93 5.50
CA GLU A 58 4.56 -5.94 5.51
C GLU A 58 5.38 -6.94 6.32
N VAL A 59 5.42 -8.18 5.83
CA VAL A 59 6.24 -9.22 6.49
C VAL A 59 7.47 -9.47 5.64
N ILE A 60 8.65 -9.42 6.28
CA ILE A 60 9.90 -9.75 5.55
C ILE A 60 10.72 -10.71 6.41
N PRO A 61 11.71 -11.43 5.79
CA PRO A 61 12.36 -12.47 6.60
C PRO A 61 13.27 -11.89 7.65
N ALA A 62 13.77 -10.67 7.35
CA ALA A 62 14.56 -9.93 8.31
C ALA A 62 14.68 -8.47 7.88
N GLU A 63 14.98 -7.57 8.85
CA GLU A 63 15.01 -6.18 8.50
C GLU A 63 16.36 -5.86 7.91
N THR A 64 16.39 -5.40 6.66
CA THR A 64 17.62 -4.96 6.02
C THR A 64 17.36 -3.52 5.48
N GLY A 65 18.42 -2.83 5.14
CA GLY A 65 18.28 -1.49 4.50
C GLY A 65 17.51 -1.66 3.19
N GLN A 66 17.89 -2.69 2.38
CA GLN A 66 17.20 -2.85 1.10
C GLN A 66 15.68 -3.06 1.29
N GLU A 67 15.30 -3.93 2.22
CA GLU A 67 13.81 -4.13 2.41
C GLU A 67 13.19 -2.84 2.91
N THR A 68 13.85 -2.12 3.80
CA THR A 68 13.22 -0.92 4.38
C THR A 68 13.09 0.12 3.28
N ALA A 69 14.11 0.20 2.43
CA ALA A 69 14.05 1.19 1.36
C ALA A 69 12.85 0.93 0.40
N TYR A 70 12.64 -0.34 0.03
CA TYR A 70 11.55 -0.70 -0.88
C TYR A 70 10.19 -0.38 -0.21
N PHE A 71 10.11 -0.71 1.09
CA PHE A 71 8.88 -0.39 1.80
C PHE A 71 8.55 1.10 1.83
N LEU A 72 9.58 1.95 1.97
CA LEU A 72 9.34 3.39 1.97
C LEU A 72 8.97 3.90 0.58
N LEU A 73 9.60 3.33 -0.46
N LEU A 73 9.57 3.32 -0.49
CA LEU A 73 9.20 3.69 -1.80
CA LEU A 73 9.12 3.69 -1.85
C LEU A 73 7.73 3.34 -2.03
C LEU A 73 7.68 3.33 -2.06
N LYS A 74 7.26 2.17 -1.58
CA LYS A 74 5.81 1.84 -1.71
CA LYS A 74 5.82 1.84 -1.72
C LYS A 74 4.96 2.84 -0.98
N LEU A 75 5.36 3.16 0.27
CA LEU A 75 4.55 4.05 1.08
C LEU A 75 4.42 5.43 0.40
N ALA A 76 5.56 5.97 -0.10
CA ALA A 76 5.53 7.32 -0.63
C ALA A 76 4.79 7.47 -1.99
N GLY A 77 4.65 6.33 -2.66
CA GLY A 77 3.81 6.38 -3.91
C GLY A 77 2.32 6.42 -3.56
N ARG A 78 1.94 6.04 -2.29
CA ARG A 78 0.56 5.89 -1.91
C ARG A 78 0.04 7.03 -1.05
N TRP A 79 0.92 7.67 -0.24
CA TRP A 79 0.54 8.79 0.65
C TRP A 79 1.60 9.85 0.53
N PRO A 80 1.28 11.12 0.83
CA PRO A 80 2.32 12.21 0.66
C PRO A 80 3.25 12.30 1.86
N VAL A 81 4.29 11.49 1.78
CA VAL A 81 5.23 11.26 2.85
C VAL A 81 6.29 12.39 2.82
N LYS A 82 6.32 13.26 3.84
CA LYS A 82 7.30 14.35 3.89
C LYS A 82 8.48 13.91 4.72
N THR A 83 8.24 13.22 5.82
N THR A 83 8.24 13.26 5.84
CA THR A 83 9.27 12.93 6.81
CA THR A 83 9.34 12.89 6.72
C THR A 83 9.07 11.55 7.31
C THR A 83 9.08 11.52 7.27
N VAL A 84 10.16 10.79 7.39
CA VAL A 84 10.03 9.49 8.09
CA VAL A 84 10.06 9.48 8.06
C VAL A 84 11.00 9.44 9.25
N HIS A 85 10.44 9.17 10.42
N HIS A 85 10.44 9.13 10.41
CA HIS A 85 11.35 8.87 11.61
CA HIS A 85 11.24 8.81 11.62
C HIS A 85 11.72 7.40 11.53
C HIS A 85 11.69 7.35 11.51
N THR A 86 12.99 7.10 11.29
CA THR A 86 13.43 5.72 11.10
CA THR A 86 13.44 5.78 11.08
C THR A 86 13.44 5.00 12.45
N ASP A 87 13.41 3.69 12.36
CA ASP A 87 13.11 2.88 13.56
C ASP A 87 14.37 2.51 14.34
N ASN A 88 15.52 2.66 13.73
CA ASN A 88 16.83 2.35 14.43
C ASN A 88 17.96 2.96 13.64
N GLY A 89 19.16 2.94 14.20
CA GLY A 89 20.26 3.63 13.62
C GLY A 89 20.81 2.93 12.38
N SER A 90 20.56 1.63 12.23
CA SER A 90 21.02 0.93 11.04
C SER A 90 20.23 1.42 9.82
N ASN A 91 18.93 1.58 10.02
CA ASN A 91 18.11 2.10 8.85
C ASN A 91 18.35 3.58 8.69
N PHE A 92 18.67 4.32 9.73
CA PHE A 92 19.06 5.73 9.55
C PHE A 92 20.36 5.89 8.73
N THR A 93 21.30 5.01 8.99
CA THR A 93 22.61 5.12 8.36
C THR A 93 22.57 4.52 6.93
N SER A 94 21.74 3.50 6.67
CA SER A 94 21.77 2.70 5.40
C SER A 94 21.80 3.62 4.13
N THR A 95 22.81 3.35 3.28
CA THR A 95 22.86 4.14 2.02
C THR A 95 21.66 3.80 1.18
N THR A 96 21.17 2.57 1.23
CA THR A 96 20.02 2.23 0.36
C THR A 96 18.75 2.93 0.85
N VAL A 97 18.59 3.01 2.20
CA VAL A 97 17.44 3.73 2.70
C VAL A 97 17.59 5.21 2.32
N LYS A 98 18.79 5.79 2.42
CA LYS A 98 18.95 7.22 2.12
C LYS A 98 18.66 7.46 0.59
N ALA A 99 19.06 6.47 -0.20
CA ALA A 99 18.76 6.56 -1.69
C ALA A 99 17.26 6.56 -1.94
N ALA A 100 16.52 5.66 -1.31
CA ALA A 100 15.08 5.63 -1.55
C ALA A 100 14.43 6.89 -1.02
N CYS A 101 14.87 7.39 0.14
CA CYS A 101 14.29 8.63 0.67
C CYS A 101 14.63 9.79 -0.28
N TRP A 102 15.89 9.82 -0.80
CA TRP A 102 16.17 10.87 -1.79
C TRP A 102 15.21 10.74 -3.02
N TRP A 103 15.09 9.53 -3.55
CA TRP A 103 14.33 9.30 -4.79
C TRP A 103 12.92 9.80 -4.57
N ALA A 104 12.32 9.38 -3.42
CA ALA A 104 10.90 9.71 -3.16
C ALA A 104 10.59 11.09 -2.51
N GLY A 105 11.66 11.91 -2.30
CA GLY A 105 11.45 13.22 -1.71
C GLY A 105 11.12 13.20 -0.24
N ILE A 106 11.69 12.22 0.46
CA ILE A 106 11.44 12.11 1.91
C ILE A 106 12.62 12.63 2.68
N LYS A 107 12.32 13.33 3.77
CA LYS A 107 13.35 13.75 4.72
CA LYS A 107 13.31 13.75 4.74
C LYS A 107 13.47 12.62 5.70
N GLN A 108 14.67 12.04 5.75
CA GLN A 108 14.90 10.91 6.63
C GLN A 108 15.39 11.43 7.96
N GLU A 109 14.71 11.09 9.03
CA GLU A 109 15.05 11.61 10.37
C GLU A 109 15.30 10.45 11.34
N ASP A 110 15.91 10.73 12.51
CA ASP A 110 15.93 9.67 13.56
C ASP A 110 14.57 9.40 14.16
N GLY A 111 14.45 8.41 15.06
CA GLY A 111 13.14 8.13 15.65
C GLY A 111 13.29 8.13 17.14
N ILE A 112 14.22 8.98 17.60
CA ILE A 112 14.45 9.10 19.06
CA ILE A 112 14.44 9.09 19.06
C ILE A 112 13.14 9.60 19.71
N PRO A 113 12.67 8.87 20.76
CA PRO A 113 11.44 9.34 21.42
C PRO A 113 11.70 10.60 22.29
N TYR A 114 11.81 11.76 21.67
CA TYR A 114 12.00 12.99 22.42
C TYR A 114 10.85 13.19 23.36
N ASN A 115 9.65 12.83 22.91
CA ASN A 115 8.52 12.71 23.80
C ASN A 115 8.47 11.26 24.29
N PRO A 116 8.73 11.04 25.61
CA PRO A 116 8.84 9.70 26.19
C PRO A 116 7.61 8.83 25.92
N GLN A 117 6.42 9.45 25.94
CA GLN A 117 5.13 8.75 25.70
C GLN A 117 5.11 7.96 24.37
N SER A 118 5.92 8.40 23.38
CA SER A 118 6.16 7.61 22.09
C SER A 118 6.54 6.13 22.23
N GLN A 119 7.53 5.79 23.07
CA GLN A 119 7.97 4.39 23.22
C GLN A 119 6.69 3.62 23.52
N GLY A 120 5.92 4.14 24.51
CA GLY A 120 4.75 3.46 25.05
C GLY A 120 3.68 3.27 23.98
N VAL A 121 3.46 4.29 23.18
CA VAL A 121 2.37 4.21 22.17
C VAL A 121 2.72 3.15 21.09
N ILE A 122 3.99 3.11 20.67
N ILE A 122 3.98 3.09 20.67
CA ILE A 122 4.49 2.12 19.70
CA ILE A 122 4.38 2.09 19.68
C ILE A 122 4.39 0.71 20.30
C ILE A 122 4.38 0.69 20.30
N GLU A 123 4.82 0.56 21.56
CA GLU A 123 4.76 -0.74 22.19
C GLU A 123 3.34 -1.22 22.32
N SER A 124 2.43 -0.35 22.71
N SER A 124 2.43 -0.35 22.75
CA SER A 124 1.07 -0.83 22.89
CA SER A 124 1.04 -0.79 22.91
C SER A 124 0.50 -1.18 21.52
C SER A 124 0.47 -1.15 21.54
N MET A 125 0.94 -0.44 20.51
CA MET A 125 0.47 -0.76 19.10
C MET A 125 0.96 -2.13 18.67
N ASN A 126 2.25 -2.44 18.94
CA ASN A 126 2.72 -3.74 18.55
C ASN A 126 1.96 -4.86 19.28
N LYS A 127 1.71 -4.62 20.59
CA LYS A 127 0.97 -5.64 21.35
C LYS A 127 -0.43 -5.90 20.81
N GLU A 128 -1.12 -4.82 20.47
CA GLU A 128 -2.47 -4.85 19.89
C GLU A 128 -2.39 -5.54 18.53
N LEU A 129 -1.42 -5.20 17.70
CA LEU A 129 -1.38 -5.85 16.39
C LEU A 129 -1.12 -7.33 16.54
N LYS A 130 -0.24 -7.70 17.51
CA LYS A 130 -0.01 -9.13 17.61
C LYS A 130 -1.26 -9.88 18.15
N LYS A 131 -1.98 -9.22 19.04
CA LYS A 131 -3.21 -9.78 19.53
C LYS A 131 -4.17 -10.05 18.37
N ILE A 132 -4.31 -9.08 17.49
CA ILE A 132 -5.26 -9.25 16.37
C ILE A 132 -4.74 -10.29 15.47
N ILE A 133 -3.40 -10.32 15.19
CA ILE A 133 -2.87 -11.39 14.35
C ILE A 133 -3.28 -12.77 14.92
N GLY A 134 -3.15 -12.93 16.25
CA GLY A 134 -3.50 -14.27 16.81
C GLY A 134 -4.97 -14.55 16.66
N GLN A 135 -5.78 -13.52 16.73
CA GLN A 135 -7.25 -13.74 16.58
C GLN A 135 -7.60 -14.15 15.15
N VAL A 136 -6.79 -13.75 14.16
CA VAL A 136 -7.15 -14.15 12.77
C VAL A 136 -6.28 -15.22 12.18
N ARG A 137 -5.24 -15.62 12.93
CA ARG A 137 -4.17 -16.39 12.31
C ARG A 137 -4.65 -17.69 11.66
N ASP A 138 -5.62 -18.36 12.28
CA ASP A 138 -6.14 -19.60 11.70
C ASP A 138 -7.04 -19.40 10.45
N GLN A 139 -7.39 -18.15 10.14
CA GLN A 139 -8.13 -17.90 8.90
C GLN A 139 -7.17 -17.73 7.71
N ALA A 140 -5.86 -17.73 7.93
CA ALA A 140 -4.89 -17.44 6.86
C ALA A 140 -3.85 -18.58 6.75
N GLU A 141 -3.49 -18.95 5.54
CA GLU A 141 -2.39 -19.87 5.41
C GLU A 141 -1.09 -19.16 5.78
N HIS A 142 -0.89 -17.99 5.23
CA HIS A 142 0.44 -17.29 5.44
C HIS A 142 0.35 -16.19 6.45
N LEU A 143 1.43 -15.99 7.21
CA LEU A 143 1.46 -14.88 8.18
C LEU A 143 1.16 -13.58 7.45
N LYS A 144 1.74 -13.39 6.22
CA LYS A 144 1.53 -12.05 5.65
C LYS A 144 0.03 -11.69 5.45
N THR A 145 -0.78 -12.68 5.18
CA THR A 145 -2.26 -12.48 5.13
C THR A 145 -2.86 -12.07 6.49
N ALA A 146 -2.43 -12.76 7.58
CA ALA A 146 -2.93 -12.37 8.85
C ALA A 146 -2.51 -10.93 9.22
N VAL A 147 -1.26 -10.56 8.83
CA VAL A 147 -0.84 -9.20 9.11
C VAL A 147 -1.67 -8.21 8.32
N GLN A 148 -2.02 -8.54 7.09
CA GLN A 148 -2.85 -7.53 6.35
C GLN A 148 -4.29 -7.50 6.91
N MET A 149 -4.76 -8.65 7.47
CA MET A 149 -6.09 -8.61 8.13
C MET A 149 -6.00 -7.73 9.39
N ALA A 150 -4.86 -7.75 10.10
CA ALA A 150 -4.69 -6.89 11.31
C ALA A 150 -4.59 -5.42 10.92
N VAL A 151 -3.92 -5.15 9.81
CA VAL A 151 -3.84 -3.78 9.32
C VAL A 151 -5.28 -3.29 9.00
N PHE A 152 -6.05 -4.12 8.30
CA PHE A 152 -7.37 -3.77 7.95
C PHE A 152 -8.18 -3.48 9.27
N ILE A 153 -8.09 -4.41 10.19
CA ILE A 153 -8.94 -4.18 11.44
C ILE A 153 -8.47 -2.93 12.19
N HIS A 154 -7.15 -2.77 12.33
CA HIS A 154 -6.63 -1.52 12.98
C HIS A 154 -7.12 -0.27 12.32
N ASN A 155 -7.09 -0.18 10.98
CA ASN A 155 -7.35 1.09 10.32
C ASN A 155 -8.83 1.39 10.25
N HIS A 156 -9.67 0.35 10.35
CA HIS A 156 -11.14 0.57 10.28
C HIS A 156 -11.74 0.76 11.67
N LYS A 157 -11.00 0.51 12.74
CA LYS A 157 -11.67 0.52 14.09
C LYS A 157 -12.05 1.92 14.48
N ARG A 158 -13.33 2.14 14.90
CA ARG A 158 -13.71 3.45 15.36
C ARG A 158 -13.44 3.62 16.86
N LYS A 159 -12.86 4.72 17.27
CA LYS A 159 -13.03 5.24 18.67
C LYS A 159 -12.40 6.61 18.82
N GLY A 164 -17.20 9.25 16.48
CA GLY A 164 -15.88 8.60 16.63
C GLY A 164 -15.35 8.07 15.30
N TYR A 165 -14.15 8.55 14.92
CA TYR A 165 -13.61 8.32 13.56
C TYR A 165 -12.56 7.18 13.61
N SER A 166 -12.36 6.46 12.49
CA SER A 166 -11.27 5.45 12.48
C SER A 166 -9.98 6.16 12.04
N ALA A 167 -8.85 5.43 12.15
CA ALA A 167 -7.60 5.99 11.69
C ALA A 167 -7.62 6.23 10.17
N GLY A 168 -8.31 5.37 9.42
CA GLY A 168 -8.41 5.55 7.96
C GLY A 168 -9.18 6.86 7.63
N GLU A 169 -10.22 7.12 8.44
CA GLU A 169 -10.91 8.41 8.27
C GLU A 169 -10.05 9.58 8.64
N ARG A 170 -9.32 9.45 9.74
CA ARG A 170 -8.56 10.59 10.27
C ARG A 170 -7.45 10.94 9.24
N ILE A 171 -6.79 9.91 8.67
CA ILE A 171 -5.67 10.29 7.82
C ILE A 171 -6.18 11.00 6.54
N VAL A 172 -7.27 10.53 5.97
CA VAL A 172 -7.90 11.21 4.79
C VAL A 172 -8.30 12.64 5.16
N ASP A 173 -8.93 12.80 6.31
CA ASP A 173 -9.37 14.17 6.75
CA ASP A 173 -9.37 14.15 6.75
C ASP A 173 -8.19 15.09 6.96
N ILE A 174 -7.14 14.58 7.59
CA ILE A 174 -5.95 15.40 7.80
C ILE A 174 -5.27 15.81 6.48
N ILE A 175 -5.11 14.87 5.56
CA ILE A 175 -4.47 15.22 4.30
C ILE A 175 -5.36 16.12 3.47
N ALA A 176 -6.66 15.89 3.52
CA ALA A 176 -7.54 16.67 2.57
C ALA A 176 -7.54 18.11 3.09
N THR A 177 -7.53 18.27 4.40
CA THR A 177 -7.46 19.59 5.02
C THR A 177 -6.19 20.33 4.66
N ASP A 178 -5.04 19.62 4.66
CA ASP A 178 -3.78 20.15 4.19
C ASP A 178 -3.88 20.59 2.73
N ILE A 179 -4.38 19.73 1.84
CA ILE A 179 -4.44 20.04 0.41
C ILE A 179 -5.19 21.40 0.21
N GLN A 180 -6.24 21.64 0.99
CA GLN A 180 -7.14 22.80 0.80
C GLN A 180 -6.61 24.09 1.46
N SER B 28 -19.39 5.86 -6.05
CA SER B 28 -18.18 6.67 -6.54
C SER B 28 -16.88 6.56 -5.71
N PRO B 29 -16.86 7.11 -4.49
CA PRO B 29 -15.64 7.08 -3.72
C PRO B 29 -15.07 5.65 -3.54
N GLY B 30 -15.92 4.65 -3.51
CA GLY B 30 -15.42 3.31 -3.09
C GLY B 30 -15.16 2.34 -4.29
N ILE B 31 -15.22 2.83 -5.54
CA ILE B 31 -15.15 1.89 -6.68
C ILE B 31 -13.74 1.78 -7.25
N TRP B 32 -13.24 0.56 -7.35
CA TRP B 32 -11.93 0.28 -7.92
C TRP B 32 -12.05 -0.71 -9.04
N GLN B 33 -11.06 -0.67 -9.93
CA GLN B 33 -11.01 -1.64 -11.08
CA GLN B 33 -11.01 -1.62 -11.07
C GLN B 33 -9.69 -2.32 -11.07
N LEU B 34 -9.68 -3.65 -11.25
N LEU B 34 -9.70 -3.64 -11.24
CA LEU B 34 -8.43 -4.38 -11.37
CA LEU B 34 -8.48 -4.45 -11.35
C LEU B 34 -7.97 -4.38 -12.81
C LEU B 34 -7.99 -4.46 -12.79
N ASP B 35 -6.68 -4.49 -12.98
CA ASP B 35 -6.07 -4.45 -14.36
C ASP B 35 -4.76 -5.29 -14.30
N CYS B 36 -4.48 -6.14 -15.27
CA CYS B 36 -3.36 -7.01 -15.17
C CYS B 36 -2.61 -6.81 -16.48
N THR B 37 -1.32 -6.46 -16.41
CA THR B 37 -0.48 -6.28 -17.64
C THR B 37 0.82 -7.01 -17.47
N HIS B 38 1.53 -7.27 -18.58
CA HIS B 38 2.71 -8.08 -18.51
C HIS B 38 3.93 -7.30 -18.93
N LEU B 39 5.05 -7.58 -18.27
CA LEU B 39 6.37 -7.00 -18.59
C LEU B 39 7.44 -7.91 -18.10
N GLU B 40 8.50 -8.07 -18.91
CA GLU B 40 9.66 -8.85 -18.45
C GLU B 40 9.33 -10.29 -18.03
N GLY B 41 8.33 -10.86 -18.68
CA GLY B 41 7.94 -12.23 -18.30
C GLY B 41 7.21 -12.33 -16.98
N LYS B 42 6.86 -11.18 -16.36
CA LYS B 42 6.15 -11.22 -15.05
C LYS B 42 4.85 -10.46 -15.28
N VAL B 43 4.02 -10.41 -14.25
CA VAL B 43 2.72 -9.82 -14.37
C VAL B 43 2.71 -8.60 -13.44
N ILE B 44 2.07 -7.51 -13.87
CA ILE B 44 1.93 -6.36 -12.97
C ILE B 44 0.44 -6.29 -12.72
N LEU B 45 0.01 -6.38 -11.42
CA LEU B 45 -1.44 -6.34 -11.14
C LEU B 45 -1.66 -4.92 -10.57
N VAL B 46 -2.69 -4.22 -11.09
CA VAL B 46 -2.91 -2.82 -10.77
C VAL B 46 -4.30 -2.69 -10.24
N ALA B 47 -4.53 -1.86 -9.20
CA ALA B 47 -5.90 -1.47 -8.85
C ALA B 47 -6.04 0.00 -9.14
N VAL B 48 -7.09 0.38 -9.88
CA VAL B 48 -7.27 1.83 -10.19
C VAL B 48 -8.49 2.31 -9.47
N HIS B 49 -8.39 3.43 -8.73
CA HIS B 49 -9.56 4.04 -8.16
C HIS B 49 -10.20 4.84 -9.29
N VAL B 50 -11.39 4.43 -9.68
CA VAL B 50 -11.91 4.87 -11.02
C VAL B 50 -12.14 6.41 -11.08
N ALA B 51 -12.68 6.96 -10.02
CA ALA B 51 -13.04 8.40 -9.98
C ALA B 51 -11.84 9.34 -9.99
N SER B 52 -10.69 8.87 -9.48
CA SER B 52 -9.47 9.72 -9.38
C SER B 52 -8.35 9.38 -10.31
N GLY B 53 -8.30 8.14 -10.77
CA GLY B 53 -7.15 7.58 -11.54
C GLY B 53 -5.94 7.22 -10.64
N TYR B 54 -6.18 7.19 -9.32
CA TYR B 54 -5.02 6.84 -8.37
C TYR B 54 -4.87 5.29 -8.56
N ILE B 55 -3.61 4.85 -8.50
CA ILE B 55 -3.35 3.43 -8.64
C ILE B 55 -2.48 2.86 -7.51
N GLU B 56 -2.62 1.53 -7.30
CA GLU B 56 -1.64 0.78 -6.45
C GLU B 56 -1.30 -0.44 -7.37
N ALA B 57 -0.09 -0.98 -7.23
CA ALA B 57 0.32 -2.08 -8.13
C ALA B 57 1.29 -2.97 -7.42
N GLU B 58 1.42 -4.19 -7.93
CA GLU B 58 2.44 -5.13 -7.47
CA GLU B 58 2.50 -5.09 -7.49
C GLU B 58 2.91 -6.01 -8.61
N VAL B 59 4.08 -6.60 -8.44
CA VAL B 59 4.58 -7.57 -9.45
C VAL B 59 4.46 -8.94 -8.84
N ILE B 60 3.89 -9.88 -9.64
CA ILE B 60 3.80 -11.29 -9.24
C ILE B 60 4.23 -12.13 -10.43
N PRO B 61 4.58 -13.43 -10.20
CA PRO B 61 5.13 -14.22 -11.29
C PRO B 61 4.06 -14.60 -12.29
N ALA B 62 2.81 -14.70 -11.81
CA ALA B 62 1.68 -14.95 -12.70
C ALA B 62 0.37 -14.63 -11.94
N GLU B 63 -0.70 -14.30 -12.67
CA GLU B 63 -1.93 -13.91 -12.03
C GLU B 63 -2.65 -15.15 -11.57
N THR B 64 -2.87 -15.31 -10.29
CA THR B 64 -3.65 -16.44 -9.81
C THR B 64 -4.77 -15.83 -8.90
N GLY B 65 -5.77 -16.63 -8.56
CA GLY B 65 -6.80 -16.15 -7.62
C GLY B 65 -6.14 -15.89 -6.25
N GLN B 66 -5.19 -16.77 -5.79
CA GLN B 66 -4.59 -16.54 -4.49
C GLN B 66 -3.84 -15.17 -4.45
N GLU B 67 -3.09 -14.88 -5.52
CA GLU B 67 -2.35 -13.58 -5.51
C GLU B 67 -3.33 -12.45 -5.58
N THR B 68 -4.39 -12.57 -6.38
CA THR B 68 -5.31 -11.45 -6.56
C THR B 68 -6.04 -11.23 -5.24
N ALA B 69 -6.40 -12.32 -4.55
CA ALA B 69 -7.06 -12.15 -3.28
C ALA B 69 -6.22 -11.39 -2.23
N TYR B 70 -4.93 -11.74 -2.17
CA TYR B 70 -4.02 -11.08 -1.19
C TYR B 70 -3.89 -9.60 -1.54
N PHE B 71 -3.77 -9.33 -2.84
CA PHE B 71 -3.67 -7.92 -3.27
C PHE B 71 -4.90 -7.11 -2.86
N LEU B 72 -6.11 -7.68 -3.02
CA LEU B 72 -7.32 -6.98 -2.59
C LEU B 72 -7.41 -6.79 -1.12
N LEU B 73 -6.95 -7.79 -0.33
N LEU B 73 -6.96 -7.78 -0.32
CA LEU B 73 -6.92 -7.60 1.10
CA LEU B 73 -6.88 -7.60 1.14
C LEU B 73 -5.97 -6.46 1.51
C LEU B 73 -5.97 -6.46 1.51
N LYS B 74 -4.81 -6.36 0.85
CA LYS B 74 -3.91 -5.20 1.09
CA LYS B 74 -3.92 -5.20 1.14
C LYS B 74 -4.63 -3.90 0.76
N LEU B 75 -5.27 -3.84 -0.42
CA LEU B 75 -5.86 -2.59 -0.86
C LEU B 75 -6.98 -2.17 0.14
N ALA B 76 -7.85 -3.15 0.56
CA ALA B 76 -8.96 -2.72 1.39
C ALA B 76 -8.57 -2.38 2.83
N GLY B 77 -7.38 -2.76 3.24
CA GLY B 77 -6.93 -2.29 4.59
C GLY B 77 -6.42 -0.86 4.50
N ARG B 78 -6.16 -0.37 3.26
CA ARG B 78 -5.52 0.94 3.05
C ARG B 78 -6.50 2.01 2.61
N TRP B 79 -7.52 1.64 1.82
CA TRP B 79 -8.52 2.59 1.33
C TRP B 79 -9.88 1.95 1.52
N PRO B 80 -10.97 2.77 1.57
CA PRO B 80 -12.32 2.20 1.83
C PRO B 80 -12.96 1.65 0.56
N VAL B 81 -12.65 0.40 0.27
CA VAL B 81 -12.98 -0.25 -0.97
C VAL B 81 -14.40 -0.82 -0.82
N LYS B 82 -15.35 -0.31 -1.59
CA LYS B 82 -16.73 -0.82 -1.53
C LYS B 82 -16.93 -1.82 -2.62
N THR B 83 -16.38 -1.55 -3.79
N THR B 83 -16.45 -1.56 -3.82
CA THR B 83 -16.71 -2.36 -4.96
CA THR B 83 -16.70 -2.52 -4.88
C THR B 83 -15.44 -2.58 -5.74
C THR B 83 -15.50 -2.61 -5.75
N VAL B 84 -15.21 -3.81 -6.17
CA VAL B 84 -14.10 -4.04 -7.11
CA VAL B 84 -14.12 -3.99 -7.14
C VAL B 84 -14.61 -4.64 -8.41
N HIS B 85 -14.29 -3.97 -9.52
CA HIS B 85 -14.57 -4.54 -10.89
C HIS B 85 -13.38 -5.44 -11.20
N THR B 86 -13.60 -6.73 -11.28
CA THR B 86 -12.49 -7.68 -11.47
CA THR B 86 -12.52 -7.65 -11.45
C THR B 86 -12.05 -7.62 -12.92
N ASP B 87 -10.83 -8.06 -13.15
CA ASP B 87 -10.19 -7.83 -14.48
C ASP B 87 -10.46 -8.94 -15.51
N ASN B 88 -10.97 -10.07 -15.06
CA ASN B 88 -11.28 -11.18 -15.98
C ASN B 88 -12.19 -12.17 -15.26
N GLY B 89 -12.69 -13.15 -16.01
CA GLY B 89 -13.69 -14.06 -15.48
C GLY B 89 -13.06 -15.05 -14.50
N SER B 90 -11.77 -15.30 -14.67
CA SER B 90 -11.11 -16.28 -13.76
C SER B 90 -11.07 -15.68 -12.32
N ASN B 91 -10.71 -14.41 -12.24
CA ASN B 91 -10.68 -13.78 -10.86
C ASN B 91 -12.09 -13.49 -10.41
N PHE B 92 -13.04 -13.28 -11.28
CA PHE B 92 -14.44 -13.17 -10.87
C PHE B 92 -15.00 -14.47 -10.27
N THR B 93 -14.62 -15.60 -10.86
CA THR B 93 -15.11 -16.91 -10.41
C THR B 93 -14.34 -17.40 -9.18
N SER B 94 -13.04 -17.06 -9.05
CA SER B 94 -12.14 -17.67 -8.04
C SER B 94 -12.76 -17.67 -6.62
N THR B 95 -12.77 -18.88 -6.01
CA THR B 95 -13.31 -18.93 -4.65
C THR B 95 -12.40 -18.16 -3.70
N THR B 96 -11.11 -18.14 -3.96
CA THR B 96 -10.20 -17.43 -3.04
C THR B 96 -10.44 -15.91 -3.14
N VAL B 97 -10.63 -15.40 -4.40
CA VAL B 97 -10.93 -13.99 -4.50
C VAL B 97 -12.28 -13.73 -3.82
N LYS B 98 -13.32 -14.60 -3.96
CA LYS B 98 -14.60 -14.27 -3.35
C LYS B 98 -14.44 -14.29 -1.81
N ALA B 99 -13.60 -15.19 -1.32
CA ALA B 99 -13.36 -15.28 0.16
C ALA B 99 -12.68 -13.99 0.63
N ALA B 100 -11.66 -13.48 -0.07
CA ALA B 100 -11.05 -12.25 0.36
C ALA B 100 -12.03 -11.09 0.26
N CYS B 101 -12.84 -10.99 -0.82
CA CYS B 101 -13.81 -9.90 -0.92
C CYS B 101 -14.85 -10.04 0.20
N TRP B 102 -15.28 -11.27 0.51
CA TRP B 102 -16.16 -11.42 1.69
C TRP B 102 -15.50 -10.91 2.99
N TRP B 103 -14.24 -11.32 3.17
CA TRP B 103 -13.59 -11.02 4.44
C TRP B 103 -13.52 -9.50 4.60
N ALA B 104 -13.08 -8.84 3.52
CA ALA B 104 -12.85 -7.39 3.56
C ALA B 104 -14.09 -6.47 3.33
N GLY B 105 -15.26 -7.11 3.09
CA GLY B 105 -16.48 -6.31 2.93
C GLY B 105 -16.59 -5.66 1.55
N ILE B 106 -16.01 -6.33 0.55
CA ILE B 106 -16.03 -5.81 -0.83
C ILE B 106 -17.09 -6.53 -1.67
N LYS B 107 -17.79 -5.71 -2.48
CA LYS B 107 -18.70 -6.24 -3.46
CA LYS B 107 -18.71 -6.25 -3.45
C LYS B 107 -17.88 -6.57 -4.68
N GLN B 108 -17.83 -7.85 -5.00
CA GLN B 108 -17.07 -8.26 -6.18
C GLN B 108 -17.93 -8.22 -7.40
N GLU B 109 -17.53 -7.47 -8.41
CA GLU B 109 -18.34 -7.24 -9.62
C GLU B 109 -17.54 -7.64 -10.86
N ASP B 110 -18.23 -7.80 -12.00
CA ASP B 110 -17.47 -7.97 -13.27
C ASP B 110 -16.77 -6.70 -13.72
N GLY B 111 -15.97 -6.77 -14.77
CA GLY B 111 -15.28 -5.55 -15.23
C GLY B 111 -15.55 -5.27 -16.68
N ILE B 112 -16.76 -5.68 -17.07
CA ILE B 112 -17.20 -5.54 -18.47
C ILE B 112 -17.27 -4.04 -18.77
N PRO B 113 -16.62 -3.59 -19.85
CA PRO B 113 -16.66 -2.16 -20.18
C PRO B 113 -18.02 -1.77 -20.83
N TYR B 114 -19.04 -1.68 -20.01
CA TYR B 114 -20.34 -1.20 -20.47
C TYR B 114 -20.17 0.16 -21.08
N ASN B 115 -19.26 0.94 -20.49
CA ASN B 115 -18.87 2.17 -21.17
C ASN B 115 -17.62 1.88 -22.02
N PRO B 116 -17.78 1.88 -23.36
CA PRO B 116 -16.68 1.41 -24.22
C PRO B 116 -15.37 2.22 -24.03
N GLN B 117 -15.48 3.49 -23.63
CA GLN B 117 -14.27 4.35 -23.40
C GLN B 117 -13.31 3.76 -22.33
N SER B 118 -13.86 2.90 -21.44
CA SER B 118 -13.05 2.11 -20.42
C SER B 118 -11.88 1.24 -20.94
N GLN B 119 -12.10 0.42 -21.98
CA GLN B 119 -11.02 -0.42 -22.53
C GLN B 119 -9.87 0.57 -22.78
N GLY B 120 -10.20 1.71 -23.44
CA GLY B 120 -9.20 2.64 -23.97
C GLY B 120 -8.44 3.32 -22.85
N VAL B 121 -9.15 3.63 -21.79
CA VAL B 121 -8.52 4.36 -20.67
C VAL B 121 -7.49 3.41 -19.97
N ILE B 122 -7.90 2.16 -19.78
N ILE B 122 -7.87 2.15 -19.78
CA ILE B 122 -7.04 1.15 -19.15
CA ILE B 122 -6.99 1.20 -19.12
C ILE B 122 -5.82 0.91 -20.05
C ILE B 122 -5.82 0.79 -20.03
N GLU B 123 -6.06 0.73 -21.35
CA GLU B 123 -4.98 0.41 -22.24
C GLU B 123 -3.99 1.56 -22.27
N SER B 124 -4.46 2.81 -22.32
N SER B 124 -4.52 2.79 -22.33
CA SER B 124 -3.54 3.94 -22.36
CA SER B 124 -3.68 3.98 -22.33
C SER B 124 -2.77 4.04 -21.03
C SER B 124 -2.82 3.99 -21.09
N MET B 125 -3.46 3.69 -19.97
CA MET B 125 -2.73 3.68 -18.63
C MET B 125 -1.61 2.62 -18.61
N ASN B 126 -1.89 1.43 -19.13
CA ASN B 126 -0.88 0.42 -19.15
C ASN B 126 0.29 0.88 -19.99
N LYS B 127 -0.02 1.51 -21.13
CA LYS B 127 1.06 1.98 -21.99
CA LYS B 127 1.02 2.01 -22.01
C LYS B 127 1.93 3.05 -21.32
N GLU B 128 1.30 4.00 -20.65
CA GLU B 128 1.98 5.08 -19.87
C GLU B 128 2.78 4.45 -18.75
N LEU B 129 2.22 3.47 -18.04
CA LEU B 129 3.00 2.86 -16.93
C LEU B 129 4.21 2.12 -17.47
N LYS B 130 4.05 1.44 -18.61
CA LYS B 130 5.22 0.77 -19.13
C LYS B 130 6.33 1.76 -19.62
N LYS B 131 5.86 2.88 -20.16
CA LYS B 131 6.79 3.93 -20.60
C LYS B 131 7.58 4.40 -19.41
N ILE B 132 6.87 4.68 -18.31
CA ILE B 132 7.58 5.18 -17.10
C ILE B 132 8.50 4.14 -16.57
N ILE B 133 8.03 2.87 -16.47
CA ILE B 133 8.92 1.83 -16.03
C ILE B 133 10.22 1.79 -16.85
N GLY B 134 10.09 1.97 -18.16
CA GLY B 134 11.31 1.90 -18.97
C GLY B 134 12.21 3.08 -18.67
N GLN B 135 11.63 4.24 -18.36
CA GLN B 135 12.39 5.49 -18.04
C GLN B 135 13.16 5.29 -16.72
N VAL B 136 12.61 4.48 -15.78
CA VAL B 136 13.36 4.32 -14.51
C VAL B 136 14.06 3.03 -14.35
N ARG B 137 13.91 2.15 -15.35
CA ARG B 137 14.23 0.78 -15.06
C ARG B 137 15.71 0.63 -14.67
N ASP B 138 16.63 1.42 -15.26
CA ASP B 138 18.03 1.27 -14.91
C ASP B 138 18.42 1.84 -13.53
N GLN B 139 17.48 2.48 -12.85
CA GLN B 139 17.74 2.97 -11.48
C GLN B 139 17.38 1.89 -10.44
N ALA B 140 16.83 0.74 -10.88
CA ALA B 140 16.34 -0.27 -9.96
C ALA B 140 16.98 -1.64 -10.28
N GLU B 141 17.38 -2.38 -9.26
CA GLU B 141 17.80 -3.73 -9.53
C GLU B 141 16.60 -4.59 -9.88
N HIS B 142 15.50 -4.45 -9.15
N HIS B 142 15.50 -4.49 -9.12
CA HIS B 142 14.36 -5.35 -9.44
CA HIS B 142 14.32 -5.37 -9.33
C HIS B 142 13.24 -4.64 -10.14
C HIS B 142 13.25 -4.65 -10.12
N LEU B 143 12.51 -5.37 -10.98
CA LEU B 143 11.34 -4.80 -11.65
C LEU B 143 10.40 -4.23 -10.61
N LYS B 144 10.22 -4.95 -9.46
CA LYS B 144 9.20 -4.44 -8.57
C LYS B 144 9.50 -3.03 -8.07
N THR B 145 10.77 -2.73 -7.92
CA THR B 145 11.14 -1.33 -7.57
C THR B 145 10.76 -0.31 -8.68
N ALA B 146 11.03 -0.65 -9.94
CA ALA B 146 10.68 0.20 -11.04
C ALA B 146 9.14 0.40 -11.09
N VAL B 147 8.37 -0.67 -10.80
CA VAL B 147 6.92 -0.51 -10.81
C VAL B 147 6.49 0.39 -9.70
N GLN B 148 7.11 0.33 -8.54
CA GLN B 148 6.68 1.28 -7.49
C GLN B 148 7.09 2.70 -7.80
N MET B 149 8.22 2.84 -8.53
CA MET B 149 8.63 4.22 -8.90
C MET B 149 7.58 4.74 -9.88
N ALA B 150 7.09 3.84 -10.79
CA ALA B 150 6.08 4.29 -11.75
C ALA B 150 4.76 4.64 -11.08
N VAL B 151 4.38 3.84 -10.07
CA VAL B 151 3.21 4.16 -9.27
C VAL B 151 3.39 5.56 -8.64
N PHE B 152 4.55 5.82 -8.02
CA PHE B 152 4.79 7.10 -7.43
C PHE B 152 4.65 8.25 -8.45
N ILE B 153 5.26 8.05 -9.59
CA ILE B 153 5.20 9.18 -10.61
C ILE B 153 3.80 9.36 -11.11
N HIS B 154 3.12 8.24 -11.37
CA HIS B 154 1.69 8.36 -11.84
C HIS B 154 0.82 9.09 -10.84
N ASN B 155 0.95 8.75 -9.53
CA ASN B 155 0.01 9.31 -8.55
C ASN B 155 0.33 10.75 -8.16
N HIS B 156 1.58 11.15 -8.39
CA HIS B 156 1.96 12.54 -8.03
C HIS B 156 1.81 13.50 -9.22
N LYS B 157 1.60 12.96 -10.42
CA LYS B 157 1.61 13.87 -11.62
C LYS B 157 0.41 14.81 -11.59
N ARG B 158 0.63 16.16 -11.78
CA ARG B 158 -0.53 17.05 -11.82
C ARG B 158 -1.03 17.26 -13.24
N LYS B 159 -2.32 17.28 -13.42
CA LYS B 159 -3.00 17.83 -14.65
C LYS B 159 -4.48 17.52 -14.66
N GLY B 164 -4.79 22.54 -10.71
CA GLY B 164 -4.54 21.25 -11.40
C GLY B 164 -4.03 20.19 -10.41
N TYR B 165 -4.83 19.15 -10.18
CA TYR B 165 -4.59 18.28 -9.02
C TYR B 165 -3.97 16.96 -9.48
N SER B 166 -3.26 16.25 -8.58
CA SER B 166 -2.75 14.90 -8.97
C SER B 166 -3.81 13.86 -8.56
N ALA B 167 -3.62 12.61 -9.02
CA ALA B 167 -4.53 11.56 -8.67
C ALA B 167 -4.50 11.31 -7.16
N GLY B 168 -3.31 11.43 -6.56
CA GLY B 168 -3.23 11.30 -5.07
C GLY B 168 -4.05 12.36 -4.35
N GLU B 169 -4.02 13.59 -4.88
CA GLU B 169 -4.90 14.62 -4.30
C GLU B 169 -6.36 14.34 -4.50
N ARG B 170 -6.69 13.89 -5.69
CA ARG B 170 -8.11 13.73 -6.07
C ARG B 170 -8.69 12.62 -5.17
N ILE B 171 -7.96 11.51 -4.96
CA ILE B 171 -8.61 10.40 -4.23
C ILE B 171 -8.87 10.82 -2.77
N VAL B 172 -7.93 11.55 -2.16
CA VAL B 172 -8.10 12.03 -0.76
C VAL B 172 -9.28 13.00 -0.69
N ASP B 173 -9.36 13.94 -1.65
CA ASP B 173 -10.50 14.91 -1.74
CA ASP B 173 -10.48 14.89 -1.67
C ASP B 173 -11.83 14.21 -1.86
N ILE B 174 -11.86 13.21 -2.73
CA ILE B 174 -13.10 12.49 -2.94
C ILE B 174 -13.53 11.72 -1.71
N ILE B 175 -12.59 11.01 -1.09
CA ILE B 175 -12.93 10.25 0.11
C ILE B 175 -13.29 11.19 1.27
N ALA B 176 -12.57 12.31 1.39
CA ALA B 176 -12.85 13.16 2.60
C ALA B 176 -14.23 13.78 2.45
N THR B 177 -14.54 14.15 1.22
CA THR B 177 -15.86 14.71 0.91
C THR B 177 -16.98 13.74 1.25
N ASP B 178 -16.77 12.45 0.95
CA ASP B 178 -17.68 11.40 1.28
C ASP B 178 -17.82 11.19 2.79
N ILE B 179 -16.72 11.26 3.56
CA ILE B 179 -16.77 11.10 5.00
C ILE B 179 -17.61 12.26 5.59
N GLN B 180 -17.47 13.48 5.10
CA GLN B 180 -18.23 14.62 5.69
C GLN B 180 -19.71 14.73 5.22
N SER C 1 24.98 -2.12 -5.43
CA SER C 1 25.04 -2.20 -6.88
C SER C 1 24.60 -0.91 -7.56
N LEU C 2 24.67 0.19 -6.81
CA LEU C 2 24.34 1.55 -7.19
C LEU C 2 22.92 1.65 -7.80
N LYS C 3 21.95 0.92 -7.22
CA LYS C 3 20.54 0.99 -7.58
C LYS C 3 19.82 1.52 -6.36
N ILE C 4 18.65 2.16 -6.56
CA ILE C 4 17.97 2.77 -5.44
C ILE C 4 17.53 1.74 -4.42
N ASP C 5 17.23 0.54 -4.92
CA ASP C 5 16.87 -0.57 -4.08
C ASP C 5 18.05 -1.45 -3.68
N ASN C 6 19.28 -1.05 -3.99
CA ASN C 6 20.49 -1.84 -3.63
C ASN C 6 21.70 -1.08 -3.92
N MET C 7 22.10 -0.22 -2.97
CA MET C 7 23.16 0.74 -3.30
C MET C 7 24.54 0.05 -3.41
N ASP C 8 24.67 -1.18 -2.90
CA ASP C 8 25.95 -1.90 -3.14
C ASP C 8 26.09 -2.11 -4.68
N SER D 1 -7.35 -24.78 0.72
CA SER D 1 -7.03 -25.20 2.08
C SER D 1 -7.99 -24.58 3.07
N LEU D 2 -9.12 -24.12 2.60
CA LEU D 2 -10.12 -23.37 3.36
C LEU D 2 -9.53 -22.20 4.21
N LYS D 3 -8.60 -21.46 3.62
CA LYS D 3 -8.07 -20.24 4.21
C LYS D 3 -8.44 -19.09 3.28
N ILE D 4 -8.59 -17.88 3.83
CA ILE D 4 -8.97 -16.77 3.00
C ILE D 4 -8.01 -16.48 1.83
N ASP D 5 -6.72 -16.76 2.04
CA ASP D 5 -5.72 -16.56 1.01
C ASP D 5 -5.45 -17.89 0.25
N ASN D 6 -6.24 -18.93 0.49
CA ASN D 6 -6.06 -20.23 -0.26
C ASN D 6 -7.21 -21.13 0.06
N MET D 7 -8.28 -20.96 -0.71
CA MET D 7 -9.50 -21.66 -0.35
C MET D 7 -9.41 -23.15 -0.68
N ASP D 8 -8.40 -23.56 -1.46
CA ASP D 8 -8.20 -25.03 -1.59
C ASP D 8 -7.88 -25.61 -0.18
#